data_8RDO
#
_entry.id   8RDO
#
_cell.length_a   53.430
_cell.length_b   53.430
_cell.length_c   209.310
_cell.angle_alpha   90.00
_cell.angle_beta   90.00
_cell.angle_gamma   90.00
#
_symmetry.space_group_name_H-M   'P 41 2 2'
#
loop_
_entity.id
_entity.type
_entity.pdbx_description
1 polymer DtpM
2 non-polymer S-ADENOSYL-L-HOMOCYSTEINE
3 non-polymer ~{N}-(4-methyl-5-oxidanylidene-[1,2]dithiolo[4,3-b]pyrrol-6-yl)hexanamide
4 non-polymer GLYCEROL
5 non-polymer D-MALATE
6 water water
#
_entity_poly.entity_id   1
_entity_poly.type   'polypeptide(L)'
_entity_poly.pdbx_seq_one_letter_code
;SETDDERAGARSLLMQRLFGSRVTEVLAAMARLDLADAIGDGIADVHDLARSCDLPADGLHRLLRALAGLGMCEESEPGK
FALTASGALLRKDHPESVYDFARFHTAPETTRPWTNLEQALRTGRPTFDEHFGSPLYEYMAGHPELSARFAAAMRGESLA
TADTIAEHYDFSPYRTVTDVGGGDGTLITAILRRHPDLRGTIFETPEIAERAAERVRAAGLHDRCAVVSGDFFDLVPGGA
DLYLVKSTLHNWDDEHVVRILSSCRTALADRGRLLVIDVVLPDRAEPDPAELNPYVKDLQMLVLLGGRERTRAHLDRLCA
RAGLVIDRVLPLPPHVGLSLTEVVPAPAGPTP
;
_entity_poly.pdbx_strand_id   A
#
# COMPACT_ATOMS: atom_id res chain seq x y z
N GLY A 9 -2.02 16.74 -26.17
CA GLY A 9 -0.99 16.20 -27.10
C GLY A 9 0.35 16.00 -26.42
N ALA A 10 1.42 15.94 -27.21
CA ALA A 10 2.80 15.62 -26.78
C ALA A 10 3.30 16.64 -25.76
N ARG A 11 3.15 17.94 -26.07
CA ARG A 11 3.65 19.04 -25.22
C ARG A 11 2.86 19.08 -23.90
N SER A 12 1.53 18.98 -23.96
CA SER A 12 0.65 19.02 -22.76
C SER A 12 1.00 17.87 -21.81
N LEU A 13 1.25 16.67 -22.35
CA LEU A 13 1.63 15.51 -21.51
C LEU A 13 2.95 15.81 -20.80
N LEU A 14 3.96 16.34 -21.51
CA LEU A 14 5.26 16.68 -20.89
C LEU A 14 5.05 17.73 -19.78
N MET A 15 4.30 18.79 -20.07
CA MET A 15 3.99 19.87 -19.09
C MET A 15 3.35 19.25 -17.84
N GLN A 16 2.37 18.36 -18.01
CA GLN A 16 1.70 17.65 -16.89
C GLN A 16 2.75 16.93 -16.02
N ARG A 17 3.66 16.17 -16.63
CA ARG A 17 4.71 15.40 -15.90
C ARG A 17 5.60 16.38 -15.11
N LEU A 18 6.04 17.47 -15.73
CA LEU A 18 7.02 18.41 -15.14
C LEU A 18 6.45 19.08 -13.88
N PHE A 19 5.16 19.39 -13.82
CA PHE A 19 4.57 20.21 -12.74
C PHE A 19 3.93 19.33 -11.66
N GLY A 20 4.16 18.01 -11.72
CA GLY A 20 3.65 17.05 -10.73
C GLY A 20 4.08 17.39 -9.30
N SER A 21 5.33 17.82 -9.08
CA SER A 21 5.87 18.08 -7.72
C SER A 21 5.10 19.22 -7.05
N ARG A 22 4.70 20.23 -7.84
CA ARG A 22 3.94 21.40 -7.32
C ARG A 22 2.52 20.98 -7.00
N VAL A 23 1.91 20.15 -7.86
CA VAL A 23 0.58 19.54 -7.60
C VAL A 23 0.63 18.77 -6.27
N THR A 24 1.66 17.95 -6.05
CA THR A 24 1.81 17.15 -4.81
C THR A 24 1.88 18.08 -3.59
N GLU A 25 2.61 19.19 -3.69
CA GLU A 25 2.75 20.16 -2.56
C GLU A 25 1.39 20.75 -2.21
N VAL A 26 0.52 20.99 -3.20
CA VAL A 26 -0.85 21.54 -2.98
C VAL A 26 -1.66 20.50 -2.20
N LEU A 27 -1.61 19.23 -2.62
CA LEU A 27 -2.33 18.12 -1.97
C LEU A 27 -1.78 17.89 -0.56
N ALA A 28 -0.45 17.93 -0.40
CA ALA A 28 0.23 17.77 0.90
C ALA A 28 -0.28 18.83 1.88
N ALA A 29 -0.44 20.07 1.42
CA ALA A 29 -0.95 21.21 2.23
C ALA A 29 -2.41 20.95 2.63
N MET A 30 -3.24 20.50 1.69
CA MET A 30 -4.66 20.15 2.01
C MET A 30 -4.68 19.10 3.14
N ALA A 31 -3.83 18.07 3.05
CA ALA A 31 -3.80 16.93 3.99
C ALA A 31 -3.28 17.38 5.35
N ARG A 32 -2.16 18.10 5.39
CA ARG A 32 -1.53 18.60 6.64
C ARG A 32 -2.48 19.55 7.37
N LEU A 33 -3.21 20.40 6.65
CA LEU A 33 -4.11 21.45 7.24
C LEU A 33 -5.49 20.88 7.57
N ASP A 34 -5.72 19.60 7.25
N ASP A 34 -5.73 19.61 7.25
CA ASP A 34 -6.99 18.86 7.54
CA ASP A 34 -6.99 18.87 7.55
C ASP A 34 -8.18 19.61 6.93
C ASP A 34 -8.18 19.59 6.92
N LEU A 35 -7.99 20.20 5.74
CA LEU A 35 -9.04 21.02 5.07
C LEU A 35 -10.24 20.16 4.69
N ALA A 36 -10.03 18.89 4.32
CA ALA A 36 -11.12 17.96 3.93
C ALA A 36 -12.10 17.79 5.11
N ASP A 37 -11.57 17.58 6.32
CA ASP A 37 -12.41 17.40 7.53
C ASP A 37 -13.08 18.73 7.89
N ALA A 38 -12.40 19.86 7.68
CA ALA A 38 -12.93 21.22 7.95
C ALA A 38 -14.15 21.49 7.06
N ILE A 39 -14.07 21.17 5.78
CA ILE A 39 -15.17 21.34 4.80
C ILE A 39 -16.24 20.27 5.05
N GLY A 40 -15.83 19.00 5.15
CA GLY A 40 -16.74 17.86 5.41
C GLY A 40 -17.82 17.74 4.35
N ASP A 41 -19.08 17.60 4.78
CA ASP A 41 -20.21 17.27 3.89
C ASP A 41 -20.83 18.54 3.27
N GLY A 42 -20.52 19.73 3.81
CA GLY A 42 -21.24 20.97 3.48
C GLY A 42 -20.52 21.84 2.46
N ILE A 43 -21.04 23.05 2.29
CA ILE A 43 -20.36 24.19 1.61
C ILE A 43 -19.80 25.07 2.73
N ALA A 44 -18.48 25.30 2.73
CA ALA A 44 -17.76 26.06 3.78
C ALA A 44 -17.29 27.38 3.18
N ASP A 45 -17.40 28.48 3.96
CA ASP A 45 -16.91 29.81 3.57
C ASP A 45 -15.41 29.90 3.88
N VAL A 46 -14.62 30.44 2.95
CA VAL A 46 -13.13 30.54 3.08
C VAL A 46 -12.77 31.27 4.38
N HIS A 47 -13.55 32.29 4.78
CA HIS A 47 -13.30 33.09 6.01
C HIS A 47 -13.47 32.20 7.25
N ASP A 48 -14.49 31.32 7.27
CA ASP A 48 -14.74 30.37 8.39
C ASP A 48 -13.62 29.33 8.42
N LEU A 49 -13.20 28.81 7.26
CA LEU A 49 -12.09 27.82 7.14
C LEU A 49 -10.77 28.46 7.60
N ALA A 50 -10.57 29.76 7.34
CA ALA A 50 -9.32 30.51 7.63
C ALA A 50 -9.03 30.50 9.14
N ARG A 51 -10.07 30.53 9.98
CA ARG A 51 -9.97 30.52 11.46
C ARG A 51 -9.84 29.09 12.00
N SER A 52 -9.80 28.07 11.13
CA SER A 52 -9.68 26.63 11.49
C SER A 52 -8.23 26.15 11.36
N CYS A 53 -7.36 26.85 10.62
CA CYS A 53 -6.01 26.33 10.25
C CYS A 53 -4.91 27.40 10.31
N ASP A 54 -5.18 28.61 10.82
CA ASP A 54 -4.14 29.65 11.07
C ASP A 54 -3.54 30.13 9.73
N LEU A 55 -4.32 30.10 8.65
CA LEU A 55 -3.99 30.79 7.37
C LEU A 55 -4.91 31.99 7.21
N PRO A 56 -4.44 33.10 6.62
CA PRO A 56 -5.32 34.22 6.29
C PRO A 56 -6.27 33.83 5.15
N ALA A 57 -7.39 34.53 5.01
CA ALA A 57 -8.48 34.24 4.04
C ALA A 57 -7.92 34.19 2.62
N ASP A 58 -7.12 35.18 2.21
CA ASP A 58 -6.60 35.31 0.83
C ASP A 58 -5.74 34.09 0.50
N GLY A 59 -4.75 33.78 1.35
CA GLY A 59 -3.84 32.63 1.19
C GLY A 59 -4.60 31.33 1.10
N LEU A 60 -5.50 31.06 2.05
CA LEU A 60 -6.34 29.84 2.06
C LEU A 60 -7.19 29.80 0.80
N HIS A 61 -7.72 30.95 0.36
CA HIS A 61 -8.58 31.03 -0.86
C HIS A 61 -7.78 30.55 -2.08
N ARG A 62 -6.54 31.02 -2.25
CA ARG A 62 -5.69 30.67 -3.42
C ARG A 62 -5.39 29.17 -3.39
N LEU A 63 -5.11 28.60 -2.20
CA LEU A 63 -4.87 27.15 -2.03
C LEU A 63 -6.13 26.38 -2.44
N LEU A 64 -7.30 26.78 -1.95
CA LEU A 64 -8.58 26.10 -2.27
C LEU A 64 -8.89 26.21 -3.76
N ARG A 65 -8.55 27.34 -4.39
CA ARG A 65 -8.77 27.55 -5.84
C ARG A 65 -7.90 26.55 -6.62
N ALA A 66 -6.64 26.35 -6.22
CA ALA A 66 -5.74 25.35 -6.83
C ALA A 66 -6.33 23.95 -6.64
N LEU A 67 -6.86 23.66 -5.45
CA LEU A 67 -7.47 22.33 -5.14
C LEU A 67 -8.71 22.12 -6.03
N ALA A 68 -9.50 23.17 -6.26
CA ALA A 68 -10.65 23.12 -7.20
C ALA A 68 -10.14 22.88 -8.63
N GLY A 69 -9.06 23.56 -9.00
CA GLY A 69 -8.41 23.41 -10.32
C GLY A 69 -7.91 22.00 -10.53
N LEU A 70 -7.60 21.29 -9.44
CA LEU A 70 -7.02 19.92 -9.47
C LEU A 70 -8.07 18.86 -9.16
N GLY A 71 -9.35 19.25 -9.02
CA GLY A 71 -10.51 18.35 -8.95
C GLY A 71 -10.76 17.81 -7.54
N MET A 72 -10.19 18.45 -6.51
CA MET A 72 -10.30 17.99 -5.10
C MET A 72 -11.44 18.72 -4.37
N CYS A 73 -11.80 19.92 -4.85
N CYS A 73 -11.85 19.89 -4.85
CA CYS A 73 -12.86 20.80 -4.27
CA CYS A 73 -13.02 20.61 -4.30
C CYS A 73 -13.71 21.39 -5.41
C CYS A 73 -13.70 21.42 -5.40
N GLU A 74 -14.86 21.98 -5.07
CA GLU A 74 -15.71 22.77 -6.00
C GLU A 74 -15.87 24.16 -5.40
N GLU A 75 -15.65 25.22 -6.18
CA GLU A 75 -16.01 26.60 -5.76
C GLU A 75 -17.40 26.87 -6.33
N SER A 76 -18.46 26.58 -5.56
CA SER A 76 -19.87 26.70 -5.96
C SER A 76 -20.22 28.18 -6.17
N GLU A 77 -19.80 29.04 -5.23
CA GLU A 77 -19.82 30.52 -5.36
C GLU A 77 -18.45 31.04 -4.94
N PRO A 78 -18.05 32.28 -5.32
CA PRO A 78 -16.76 32.83 -4.92
C PRO A 78 -16.58 32.78 -3.39
N GLY A 79 -15.56 32.04 -2.94
CA GLY A 79 -15.18 31.92 -1.51
C GLY A 79 -15.91 30.80 -0.80
N LYS A 80 -16.77 30.05 -1.50
CA LYS A 80 -17.61 28.96 -0.93
C LYS A 80 -17.19 27.63 -1.59
N PHE A 81 -16.77 26.66 -0.78
CA PHE A 81 -16.12 25.41 -1.23
C PHE A 81 -16.81 24.18 -0.65
N ALA A 82 -17.03 23.18 -1.51
CA ALA A 82 -17.44 21.80 -1.17
C ALA A 82 -16.36 20.84 -1.66
N LEU A 83 -16.26 19.66 -1.04
CA LEU A 83 -15.35 18.59 -1.55
C LEU A 83 -15.97 17.93 -2.78
N THR A 84 -15.13 17.46 -3.69
CA THR A 84 -15.48 16.44 -4.71
C THR A 84 -15.37 15.07 -4.06
N ALA A 85 -15.76 14.01 -4.77
CA ALA A 85 -15.57 12.61 -4.32
C ALA A 85 -14.09 12.37 -4.01
N SER A 86 -13.18 12.96 -4.79
CA SER A 86 -11.71 12.80 -4.62
C SER A 86 -11.28 13.45 -3.30
N GLY A 87 -11.68 14.70 -3.06
CA GLY A 87 -11.40 15.43 -1.81
C GLY A 87 -11.98 14.73 -0.59
N ALA A 88 -13.16 14.11 -0.73
CA ALA A 88 -13.85 13.39 0.35
C ALA A 88 -12.95 12.28 0.90
N LEU A 89 -12.12 11.66 0.05
CA LEU A 89 -11.22 10.53 0.42
C LEU A 89 -10.08 10.99 1.34
N LEU A 90 -9.84 12.30 1.44
CA LEU A 90 -8.80 12.85 2.36
C LEU A 90 -9.40 13.16 3.73
N ARG A 91 -10.71 13.00 3.91
CA ARG A 91 -11.33 13.10 5.26
C ARG A 91 -10.84 11.91 6.07
N LYS A 92 -10.37 12.14 7.31
CA LYS A 92 -9.95 11.10 8.27
C LYS A 92 -11.10 10.12 8.49
N ASP A 93 -12.34 10.60 8.46
CA ASP A 93 -13.56 9.85 8.85
C ASP A 93 -14.29 9.27 7.64
N HIS A 94 -13.73 9.36 6.43
CA HIS A 94 -14.41 8.78 5.23
C HIS A 94 -14.29 7.26 5.29
N PRO A 95 -15.36 6.49 4.99
CA PRO A 95 -15.28 5.03 5.04
C PRO A 95 -14.23 4.43 4.09
N GLU A 96 -13.87 5.13 3.02
CA GLU A 96 -12.81 4.72 2.05
C GLU A 96 -11.59 5.64 2.19
N SER A 97 -11.37 6.23 3.37
CA SER A 97 -10.33 7.26 3.62
C SER A 97 -8.94 6.75 3.19
N VAL A 98 -8.18 7.60 2.50
CA VAL A 98 -6.72 7.37 2.25
C VAL A 98 -5.94 8.53 2.87
N TYR A 99 -6.51 9.16 3.90
CA TYR A 99 -5.89 10.31 4.60
C TYR A 99 -4.47 9.94 5.06
N ASP A 100 -4.35 8.82 5.78
CA ASP A 100 -3.04 8.36 6.35
C ASP A 100 -2.08 8.03 5.21
N PHE A 101 -2.57 7.39 4.15
CA PHE A 101 -1.82 7.11 2.91
C PHE A 101 -1.26 8.44 2.37
N ALA A 102 -2.10 9.47 2.26
CA ALA A 102 -1.71 10.79 1.72
C ALA A 102 -0.61 11.40 2.60
N ARG A 103 -0.79 11.36 3.92
CA ARG A 103 0.20 11.92 4.89
C ARG A 103 1.52 11.14 4.79
N PHE A 104 1.45 9.82 4.71
CA PHE A 104 2.65 8.92 4.67
C PHE A 104 3.48 9.25 3.43
N HIS A 105 2.85 9.33 2.26
CA HIS A 105 3.54 9.48 0.96
C HIS A 105 3.95 10.94 0.71
N THR A 106 3.55 11.89 1.56
CA THR A 106 4.00 13.30 1.52
C THR A 106 4.85 13.63 2.76
N ALA A 107 5.16 12.67 3.62
CA ALA A 107 6.07 12.84 4.77
C ALA A 107 7.50 12.96 4.26
N PRO A 108 8.40 13.66 4.98
CA PRO A 108 9.82 13.70 4.60
C PRO A 108 10.42 12.30 4.47
N GLU A 109 9.96 11.36 5.29
CA GLU A 109 10.47 9.96 5.35
C GLU A 109 10.38 9.30 3.97
N THR A 110 9.32 9.57 3.20
CA THR A 110 9.08 8.88 1.91
C THR A 110 9.46 9.76 0.72
N THR A 111 9.69 11.06 0.91
CA THR A 111 9.94 12.03 -0.19
C THR A 111 11.42 12.46 -0.21
N ARG A 112 12.05 12.72 0.93
CA ARG A 112 13.47 13.15 0.98
C ARG A 112 14.36 12.18 0.20
N PRO A 113 14.21 10.84 0.35
CA PRO A 113 15.02 9.89 -0.41
C PRO A 113 14.94 10.06 -1.94
N TRP A 114 13.84 10.62 -2.46
CA TRP A 114 13.65 10.86 -3.93
C TRP A 114 14.56 12.00 -4.41
N THR A 115 15.00 12.89 -3.51
CA THR A 115 15.91 14.01 -3.83
C THR A 115 17.27 13.47 -4.29
N ASN A 116 17.59 12.22 -3.93
CA ASN A 116 18.84 11.50 -4.29
C ASN A 116 18.56 10.34 -5.24
N LEU A 117 17.52 10.43 -6.07
CA LEU A 117 17.09 9.31 -6.95
C LEU A 117 18.30 8.78 -7.73
N GLU A 118 19.09 9.67 -8.33
CA GLU A 118 20.22 9.30 -9.23
C GLU A 118 21.25 8.45 -8.45
N GLN A 119 21.55 8.84 -7.20
CA GLN A 119 22.47 8.09 -6.32
C GLN A 119 21.94 6.66 -6.13
N ALA A 120 20.63 6.52 -5.85
CA ALA A 120 19.96 5.22 -5.70
C ALA A 120 20.11 4.40 -7.00
N LEU A 121 19.95 5.03 -8.16
CA LEU A 121 20.09 4.36 -9.48
C LEU A 121 21.56 3.96 -9.70
N ARG A 122 22.50 4.76 -9.17
CA ARG A 122 23.96 4.56 -9.32
C ARG A 122 24.43 3.44 -8.39
N THR A 123 24.02 3.47 -7.11
CA THR A 123 24.45 2.54 -6.04
C THR A 123 23.59 1.27 -6.05
N GLY A 124 22.33 1.37 -6.45
CA GLY A 124 21.36 0.25 -6.44
C GLY A 124 20.86 -0.04 -5.04
N ARG A 125 21.13 0.83 -4.07
CA ARG A 125 20.74 0.67 -2.64
C ARG A 125 19.92 1.89 -2.21
N PRO A 126 19.12 1.78 -1.13
CA PRO A 126 18.20 2.85 -0.76
C PRO A 126 18.93 4.09 -0.23
N THR A 127 18.37 5.27 -0.51
CA THR A 127 18.87 6.58 -0.02
C THR A 127 18.19 6.93 1.30
N PHE A 128 17.13 6.22 1.67
CA PHE A 128 16.45 6.39 2.98
C PHE A 128 17.49 6.28 4.10
N ASP A 129 18.28 5.21 4.09
CA ASP A 129 19.27 4.85 5.15
C ASP A 129 20.23 6.03 5.36
N GLU A 130 20.68 6.65 4.26
CA GLU A 130 21.62 7.81 4.26
C GLU A 130 20.97 9.02 4.98
N HIS A 131 19.68 9.25 4.74
CA HIS A 131 18.94 10.47 5.20
C HIS A 131 18.53 10.31 6.68
N PHE A 132 18.12 9.11 7.10
CA PHE A 132 17.42 8.86 8.38
C PHE A 132 18.20 7.92 9.30
N GLY A 133 19.28 7.29 8.81
CA GLY A 133 20.33 6.68 9.65
C GLY A 133 20.10 5.21 9.96
N SER A 134 19.09 4.57 9.36
CA SER A 134 18.87 3.09 9.46
C SER A 134 17.91 2.64 8.36
N PRO A 135 17.83 1.31 8.06
CA PRO A 135 16.83 0.80 7.12
C PRO A 135 15.40 1.13 7.58
N LEU A 136 14.49 1.31 6.63
CA LEU A 136 13.14 1.87 6.86
C LEU A 136 12.39 1.10 7.95
N TYR A 137 12.34 -0.23 7.90
CA TYR A 137 11.52 -1.05 8.82
C TYR A 137 12.14 -1.02 10.22
N GLU A 138 13.48 -0.97 10.32
CA GLU A 138 14.18 -0.76 11.61
C GLU A 138 13.81 0.62 12.16
N TYR A 139 13.90 1.66 11.32
CA TYR A 139 13.60 3.06 11.69
C TYR A 139 12.17 3.16 12.24
N MET A 140 11.21 2.56 11.54
CA MET A 140 9.77 2.61 11.91
C MET A 140 9.54 1.85 13.23
N ALA A 141 10.24 0.72 13.44
CA ALA A 141 10.20 -0.07 14.68
C ALA A 141 10.59 0.80 15.88
N GLY A 142 11.44 1.81 15.64
CA GLY A 142 11.91 2.78 16.67
C GLY A 142 11.11 4.07 16.68
N HIS A 143 10.15 4.25 15.75
CA HIS A 143 9.29 5.46 15.62
C HIS A 143 7.83 5.03 15.58
N PRO A 144 7.20 4.75 16.75
CA PRO A 144 5.85 4.18 16.80
C PRO A 144 4.77 4.98 16.05
N GLU A 145 4.87 6.30 16.01
CA GLU A 145 3.86 7.19 15.36
C GLU A 145 3.99 7.06 13.83
N LEU A 146 5.20 6.88 13.30
CA LEU A 146 5.42 6.59 11.86
C LEU A 146 4.92 5.18 11.54
N SER A 147 5.23 4.20 12.42
CA SER A 147 4.75 2.81 12.32
C SER A 147 3.22 2.79 12.24
N ALA A 148 2.55 3.56 13.11
CA ALA A 148 1.08 3.72 13.15
C ALA A 148 0.58 4.26 11.82
N ARG A 149 1.20 5.34 11.32
CA ARG A 149 0.84 5.98 10.03
C ARG A 149 1.00 4.97 8.89
N PHE A 150 2.12 4.22 8.88
CA PHE A 150 2.45 3.22 7.84
C PHE A 150 1.36 2.14 7.78
N ALA A 151 0.97 1.59 8.93
CA ALA A 151 -0.09 0.55 9.04
C ALA A 151 -1.36 1.06 8.36
N ALA A 152 -1.76 2.31 8.65
CA ALA A 152 -2.98 2.94 8.11
C ALA A 152 -2.79 3.28 6.63
N ALA A 153 -1.58 3.69 6.23
CA ALA A 153 -1.22 3.99 4.82
C ALA A 153 -1.41 2.73 3.97
N MET A 154 -0.87 1.60 4.41
CA MET A 154 -0.98 0.31 3.67
C MET A 154 -2.44 -0.16 3.62
N ARG A 155 -3.22 0.05 4.69
CA ARG A 155 -4.68 -0.21 4.68
C ARG A 155 -5.32 0.57 3.52
N GLY A 156 -5.08 1.89 3.46
CA GLY A 156 -5.62 2.77 2.41
C GLY A 156 -5.24 2.29 1.02
N GLU A 157 -3.98 1.92 0.81
CA GLU A 157 -3.51 1.44 -0.51
C GLU A 157 -4.23 0.12 -0.85
N SER A 158 -4.36 -0.77 0.13
CA SER A 158 -4.83 -2.17 -0.07
C SER A 158 -6.33 -2.25 -0.33
N LEU A 159 -7.10 -1.18 -0.03
CA LEU A 159 -8.58 -1.19 -0.22
C LEU A 159 -8.94 -1.69 -1.63
N ALA A 160 -8.22 -1.23 -2.66
CA ALA A 160 -8.55 -1.54 -4.07
C ALA A 160 -8.42 -3.06 -4.29
N THR A 161 -7.38 -3.67 -3.70
CA THR A 161 -7.13 -5.13 -3.78
C THR A 161 -8.14 -5.89 -2.90
N ALA A 162 -8.34 -5.44 -1.66
CA ALA A 162 -9.25 -6.08 -0.68
C ALA A 162 -10.67 -6.16 -1.24
N ASP A 163 -11.10 -5.13 -1.96
CA ASP A 163 -12.48 -4.99 -2.48
C ASP A 163 -12.69 -5.87 -3.72
N THR A 164 -11.62 -6.41 -4.33
CA THR A 164 -11.70 -7.09 -5.66
C THR A 164 -11.19 -8.54 -5.59
N ILE A 165 -10.27 -8.87 -4.68
CA ILE A 165 -9.51 -10.17 -4.72
C ILE A 165 -10.48 -11.36 -4.68
N ALA A 166 -11.46 -11.37 -3.78
CA ALA A 166 -12.36 -12.54 -3.54
C ALA A 166 -13.33 -12.73 -4.70
N GLU A 167 -13.48 -11.73 -5.57
CA GLU A 167 -14.33 -11.81 -6.78
C GLU A 167 -13.51 -12.29 -7.98
N HIS A 168 -12.18 -12.40 -7.84
CA HIS A 168 -11.24 -12.78 -8.94
C HIS A 168 -10.42 -14.02 -8.56
N TYR A 169 -10.58 -14.51 -7.32
CA TYR A 169 -9.94 -15.75 -6.80
C TYR A 169 -10.95 -16.51 -5.95
N ASP A 170 -11.07 -17.82 -6.16
CA ASP A 170 -12.00 -18.70 -5.41
C ASP A 170 -11.30 -19.14 -4.12
N PHE A 171 -11.74 -18.63 -2.97
CA PHE A 171 -11.19 -18.94 -1.63
C PHE A 171 -11.96 -20.13 -1.01
N SER A 172 -13.04 -20.58 -1.65
CA SER A 172 -13.97 -21.61 -1.12
C SER A 172 -13.28 -22.95 -0.87
N PRO A 173 -12.26 -23.38 -1.67
CA PRO A 173 -11.59 -24.65 -1.44
C PRO A 173 -10.68 -24.76 -0.20
N TYR A 174 -10.48 -23.67 0.54
CA TYR A 174 -9.49 -23.58 1.66
C TYR A 174 -10.21 -23.52 3.01
N ARG A 175 -9.65 -24.20 4.00
CA ARG A 175 -10.14 -24.19 5.41
C ARG A 175 -9.41 -23.08 6.18
N THR A 176 -8.13 -22.85 5.85
CA THR A 176 -7.25 -21.90 6.56
C THR A 176 -6.43 -21.08 5.55
N VAL A 177 -6.30 -19.78 5.81
N VAL A 177 -6.32 -19.77 5.81
CA VAL A 177 -5.44 -18.85 5.01
CA VAL A 177 -5.47 -18.82 5.03
C VAL A 177 -4.56 -18.05 5.98
C VAL A 177 -4.55 -18.09 6.02
N THR A 178 -3.26 -17.95 5.67
CA THR A 178 -2.26 -17.19 6.44
C THR A 178 -1.74 -16.06 5.57
N ASP A 179 -1.88 -14.82 6.04
CA ASP A 179 -1.39 -13.62 5.33
C ASP A 179 -0.01 -13.27 5.87
N VAL A 180 1.03 -13.56 5.07
CA VAL A 180 2.47 -13.34 5.37
C VAL A 180 2.78 -11.85 5.17
N GLY A 181 3.08 -11.13 6.24
CA GLY A 181 3.24 -9.67 6.23
C GLY A 181 1.90 -8.98 5.97
N GLY A 182 0.84 -9.48 6.61
CA GLY A 182 -0.57 -9.11 6.33
C GLY A 182 -0.98 -7.75 6.89
N GLY A 183 -0.03 -6.94 7.36
CA GLY A 183 -0.30 -5.59 7.90
C GLY A 183 -1.33 -5.64 9.02
N ASP A 184 -2.30 -4.72 9.00
CA ASP A 184 -3.30 -4.58 10.09
C ASP A 184 -4.47 -5.54 9.87
N GLY A 185 -4.41 -6.40 8.84
CA GLY A 185 -5.44 -7.41 8.54
C GLY A 185 -6.49 -6.92 7.56
N THR A 186 -6.29 -5.77 6.90
CA THR A 186 -7.22 -5.23 5.87
C THR A 186 -7.56 -6.32 4.84
N LEU A 187 -6.55 -6.96 4.26
CA LEU A 187 -6.76 -7.96 3.19
C LEU A 187 -7.51 -9.18 3.74
N ILE A 188 -7.06 -9.77 4.83
CA ILE A 188 -7.63 -11.06 5.32
C ILE A 188 -9.07 -10.84 5.81
N THR A 189 -9.31 -9.68 6.43
N THR A 189 -9.36 -9.68 6.40
CA THR A 189 -10.67 -9.25 6.91
CA THR A 189 -10.71 -9.37 6.93
C THR A 189 -11.65 -9.32 5.75
C THR A 189 -11.71 -9.28 5.76
N ALA A 190 -11.31 -8.69 4.62
CA ALA A 190 -12.15 -8.63 3.40
C ALA A 190 -12.47 -10.04 2.91
N ILE A 191 -11.48 -10.94 2.96
CA ILE A 191 -11.64 -12.36 2.51
C ILE A 191 -12.54 -13.10 3.51
N LEU A 192 -12.28 -12.95 4.82
CA LEU A 192 -13.06 -13.67 5.87
C LEU A 192 -14.51 -13.17 5.87
N ARG A 193 -14.75 -11.89 5.58
CA ARG A 193 -16.11 -11.28 5.55
C ARG A 193 -16.98 -11.99 4.50
N ARG A 194 -16.37 -12.62 3.49
CA ARG A 194 -17.09 -13.26 2.36
C ARG A 194 -17.16 -14.78 2.53
N HIS A 195 -16.44 -15.34 3.51
CA HIS A 195 -16.31 -16.80 3.74
C HIS A 195 -16.44 -17.10 5.23
N PRO A 196 -17.69 -17.18 5.76
CA PRO A 196 -17.94 -17.26 7.20
C PRO A 196 -17.27 -18.41 7.97
N ASP A 197 -16.99 -19.53 7.30
CA ASP A 197 -16.42 -20.76 7.89
C ASP A 197 -14.91 -20.80 7.70
N LEU A 198 -14.35 -19.88 6.88
CA LEU A 198 -12.89 -19.77 6.64
C LEU A 198 -12.19 -19.27 7.91
N ARG A 199 -11.00 -19.81 8.20
CA ARG A 199 -10.16 -19.40 9.34
C ARG A 199 -8.92 -18.68 8.80
N GLY A 200 -8.46 -17.66 9.51
CA GLY A 200 -7.35 -16.79 9.09
C GLY A 200 -6.26 -16.71 10.13
N THR A 201 -5.03 -16.48 9.69
CA THR A 201 -3.90 -16.04 10.53
C THR A 201 -3.19 -14.86 9.84
N ILE A 202 -2.91 -13.80 10.60
CA ILE A 202 -2.02 -12.70 10.15
C ILE A 202 -0.64 -12.95 10.77
N PHE A 203 0.40 -13.01 9.94
CA PHE A 203 1.81 -13.16 10.36
C PHE A 203 2.53 -11.84 10.11
N GLU A 204 2.98 -11.19 11.18
CA GLU A 204 3.54 -9.81 11.11
C GLU A 204 4.69 -9.65 12.10
N THR A 205 5.37 -8.50 12.03
CA THR A 205 6.35 -8.07 13.05
C THR A 205 5.60 -7.87 14.36
N PRO A 206 6.25 -8.03 15.53
CA PRO A 206 5.57 -7.79 16.81
C PRO A 206 4.82 -6.45 16.85
N GLU A 207 5.44 -5.39 16.32
CA GLU A 207 4.92 -4.00 16.36
C GLU A 207 3.60 -3.93 15.57
N ILE A 208 3.60 -4.40 14.33
CA ILE A 208 2.39 -4.35 13.44
C ILE A 208 1.37 -5.39 13.91
N ALA A 209 1.81 -6.53 14.45
CA ALA A 209 0.92 -7.58 14.99
C ALA A 209 0.02 -6.99 16.07
N GLU A 210 0.52 -6.04 16.88
CA GLU A 210 -0.28 -5.35 17.91
C GLU A 210 -1.47 -4.65 17.25
N ARG A 211 -1.23 -3.97 16.12
CA ARG A 211 -2.28 -3.25 15.34
C ARG A 211 -3.29 -4.26 14.79
N ALA A 212 -2.81 -5.35 14.18
CA ALA A 212 -3.64 -6.41 13.56
C ALA A 212 -4.53 -7.07 14.63
N ALA A 213 -3.99 -7.38 15.81
CA ALA A 213 -4.74 -8.02 16.93
C ALA A 213 -5.94 -7.13 17.30
N GLU A 214 -5.70 -5.83 17.46
CA GLU A 214 -6.76 -4.85 17.79
C GLU A 214 -7.78 -4.77 16.64
N ARG A 215 -7.32 -4.72 15.39
CA ARG A 215 -8.20 -4.64 14.20
C ARG A 215 -9.14 -5.86 14.16
N VAL A 216 -8.58 -7.06 14.33
CA VAL A 216 -9.36 -8.33 14.24
C VAL A 216 -10.45 -8.31 15.32
N ARG A 217 -10.11 -7.89 16.55
CA ARG A 217 -11.09 -7.77 17.67
C ARG A 217 -12.15 -6.74 17.31
N ALA A 218 -11.73 -5.54 16.87
CA ALA A 218 -12.64 -4.43 16.49
C ALA A 218 -13.60 -4.89 15.39
N ALA A 219 -13.13 -5.71 14.44
CA ALA A 219 -13.90 -6.16 13.25
C ALA A 219 -14.78 -7.38 13.59
N GLY A 220 -14.67 -7.93 14.81
CA GLY A 220 -15.48 -9.07 15.29
C GLY A 220 -15.05 -10.39 14.67
N LEU A 221 -13.77 -10.54 14.34
CA LEU A 221 -13.23 -11.75 13.65
C LEU A 221 -12.28 -12.52 14.57
N HIS A 222 -12.16 -12.10 15.84
CA HIS A 222 -11.34 -12.73 16.90
C HIS A 222 -11.55 -14.25 16.96
N ASP A 223 -12.79 -14.70 16.75
CA ASP A 223 -13.20 -16.13 16.88
C ASP A 223 -12.59 -16.99 15.77
N ARG A 224 -12.17 -16.41 14.63
CA ARG A 224 -11.68 -17.23 13.49
C ARG A 224 -10.49 -16.57 12.77
N CYS A 225 -9.93 -15.50 13.32
CA CYS A 225 -8.68 -14.90 12.82
C CYS A 225 -7.71 -14.71 13.98
N ALA A 226 -6.53 -15.33 13.87
CA ALA A 226 -5.45 -15.21 14.90
C ALA A 226 -4.37 -14.29 14.35
N VAL A 227 -3.55 -13.76 15.26
CA VAL A 227 -2.35 -12.97 14.90
C VAL A 227 -1.14 -13.66 15.54
N VAL A 228 -0.09 -13.87 14.75
N VAL A 228 -0.11 -13.88 14.72
CA VAL A 228 1.21 -14.43 15.23
CA VAL A 228 1.22 -14.44 15.13
C VAL A 228 2.32 -13.52 14.69
C VAL A 228 2.29 -13.43 14.71
N SER A 229 3.38 -13.33 15.47
CA SER A 229 4.49 -12.40 15.14
C SER A 229 5.78 -13.18 15.00
N GLY A 230 6.70 -12.63 14.23
CA GLY A 230 8.03 -13.21 14.03
C GLY A 230 8.72 -12.56 12.86
N ASP A 231 9.49 -13.34 12.13
CA ASP A 231 10.42 -12.88 11.07
C ASP A 231 10.30 -13.86 9.91
N PHE A 232 9.74 -13.44 8.77
CA PHE A 232 9.50 -14.35 7.61
C PHE A 232 10.85 -14.79 6.99
N PHE A 233 11.97 -14.21 7.42
CA PHE A 233 13.35 -14.70 7.09
C PHE A 233 13.69 -15.92 7.96
N ASP A 234 13.15 -15.98 9.17
CA ASP A 234 13.32 -17.11 10.12
C ASP A 234 12.35 -18.23 9.71
N LEU A 235 11.04 -17.94 9.64
CA LEU A 235 10.02 -18.93 9.22
C LEU A 235 8.69 -18.24 8.91
N VAL A 236 7.78 -19.00 8.29
CA VAL A 236 6.33 -18.68 8.15
C VAL A 236 5.57 -19.78 8.88
N PRO A 237 4.62 -19.46 9.78
CA PRO A 237 3.90 -20.48 10.54
C PRO A 237 3.22 -21.49 9.59
N GLY A 238 3.42 -22.78 9.88
CA GLY A 238 2.97 -23.89 9.00
C GLY A 238 1.51 -24.25 9.23
N GLY A 239 1.01 -25.20 8.43
CA GLY A 239 -0.27 -25.89 8.67
C GLY A 239 -1.45 -25.28 7.93
N ALA A 240 -1.27 -24.16 7.21
CA ALA A 240 -2.37 -23.50 6.47
C ALA A 240 -2.49 -24.11 5.08
N ASP A 241 -3.70 -24.08 4.49
CA ASP A 241 -3.98 -24.54 3.11
C ASP A 241 -3.47 -23.50 2.10
N LEU A 242 -3.64 -22.22 2.40
CA LEU A 242 -3.28 -21.10 1.48
C LEU A 242 -2.46 -20.06 2.24
N TYR A 243 -1.36 -19.58 1.63
CA TYR A 243 -0.54 -18.45 2.11
C TYR A 243 -0.71 -17.29 1.14
N LEU A 244 -0.92 -16.08 1.67
CA LEU A 244 -0.92 -14.82 0.91
C LEU A 244 0.36 -14.07 1.24
N VAL A 245 0.97 -13.42 0.25
CA VAL A 245 2.06 -12.44 0.47
C VAL A 245 1.79 -11.26 -0.48
N LYS A 246 1.31 -10.15 0.08
CA LYS A 246 0.87 -8.96 -0.69
C LYS A 246 1.78 -7.77 -0.41
N SER A 247 2.22 -7.08 -1.47
CA SER A 247 2.98 -5.81 -1.40
C SER A 247 4.19 -5.97 -0.47
N THR A 248 4.78 -7.16 -0.42
CA THR A 248 5.85 -7.54 0.52
C THR A 248 7.14 -7.85 -0.26
N LEU A 249 7.07 -8.76 -1.23
CA LEU A 249 8.26 -9.21 -2.02
C LEU A 249 8.90 -8.00 -2.72
N HIS A 250 8.12 -7.01 -3.17
CA HIS A 250 8.65 -5.83 -3.89
C HIS A 250 9.48 -4.94 -2.94
N ASN A 251 9.38 -5.14 -1.62
CA ASN A 251 10.15 -4.39 -0.60
C ASN A 251 11.62 -4.82 -0.56
N TRP A 252 11.97 -5.98 -1.14
CA TRP A 252 13.27 -6.67 -0.89
C TRP A 252 14.03 -6.90 -2.19
N ASP A 253 15.37 -6.93 -2.12
CA ASP A 253 16.26 -7.32 -3.24
C ASP A 253 16.08 -8.83 -3.48
N ASP A 254 16.63 -9.35 -4.58
CA ASP A 254 16.33 -10.71 -5.12
C ASP A 254 16.68 -11.81 -4.10
N GLU A 255 17.79 -11.65 -3.38
CA GLU A 255 18.31 -12.68 -2.44
C GLU A 255 17.42 -12.77 -1.21
N HIS A 256 17.05 -11.62 -0.63
CA HIS A 256 16.08 -11.49 0.50
C HIS A 256 14.73 -12.09 0.09
N VAL A 257 14.28 -11.86 -1.15
CA VAL A 257 13.01 -12.44 -1.68
C VAL A 257 13.11 -13.98 -1.66
N VAL A 258 14.21 -14.55 -2.17
CA VAL A 258 14.42 -16.03 -2.20
C VAL A 258 14.33 -16.57 -0.77
N ARG A 259 14.94 -15.88 0.20
CA ARG A 259 14.94 -16.21 1.64
C ARG A 259 13.50 -16.21 2.19
N ILE A 260 12.67 -15.26 1.75
CA ILE A 260 11.24 -15.18 2.16
C ILE A 260 10.47 -16.34 1.51
N LEU A 261 10.67 -16.55 0.21
CA LEU A 261 10.01 -17.63 -0.56
C LEU A 261 10.46 -19.00 -0.02
N SER A 262 11.69 -19.09 0.50
CA SER A 262 12.26 -20.31 1.14
C SER A 262 11.48 -20.66 2.41
N SER A 263 11.24 -19.66 3.27
CA SER A 263 10.37 -19.79 4.47
C SER A 263 8.96 -20.22 4.06
N CYS A 264 8.45 -19.67 2.95
CA CYS A 264 7.10 -20.00 2.42
C CYS A 264 7.06 -21.47 1.96
N ARG A 265 8.08 -21.91 1.23
CA ARG A 265 8.15 -23.29 0.67
C ARG A 265 8.02 -24.31 1.81
N THR A 266 8.82 -24.15 2.87
CA THR A 266 8.78 -24.99 4.09
C THR A 266 7.34 -25.04 4.64
N ALA A 267 6.67 -23.89 4.73
CA ALA A 267 5.29 -23.78 5.27
C ALA A 267 4.29 -24.49 4.35
N LEU A 268 4.49 -24.45 3.02
CA LEU A 268 3.58 -25.10 2.04
C LEU A 268 3.60 -26.63 2.23
N ALA A 269 4.78 -27.21 2.49
CA ALA A 269 4.99 -28.67 2.62
C ALA A 269 4.43 -29.36 1.38
N ASP A 270 3.37 -30.18 1.52
CA ASP A 270 2.80 -31.03 0.43
C ASP A 270 1.61 -30.32 -0.22
N ARG A 271 0.62 -29.90 0.57
CA ARG A 271 -0.73 -29.46 0.10
C ARG A 271 -0.91 -27.95 0.25
N GLY A 272 0.15 -27.19 0.52
CA GLY A 272 0.11 -25.72 0.66
C GLY A 272 0.24 -25.03 -0.70
N ARG A 273 -0.48 -23.92 -0.88
CA ARG A 273 -0.38 -23.03 -2.07
C ARG A 273 -0.03 -21.61 -1.61
N LEU A 274 0.77 -20.88 -2.40
CA LEU A 274 1.18 -19.49 -2.11
C LEU A 274 0.57 -18.56 -3.17
N LEU A 275 -0.06 -17.47 -2.74
CA LEU A 275 -0.58 -16.41 -3.64
C LEU A 275 0.28 -15.16 -3.43
N VAL A 276 1.13 -14.86 -4.40
CA VAL A 276 1.98 -13.64 -4.43
C VAL A 276 1.15 -12.53 -5.06
N ILE A 277 0.74 -11.56 -4.24
CA ILE A 277 -0.14 -10.43 -4.65
C ILE A 277 0.75 -9.20 -4.76
N ASP A 278 1.05 -8.79 -6.00
CA ASP A 278 2.09 -7.79 -6.32
C ASP A 278 1.95 -7.39 -7.80
N VAL A 279 2.56 -6.26 -8.16
CA VAL A 279 2.80 -5.87 -9.58
C VAL A 279 3.48 -7.03 -10.27
N VAL A 280 2.99 -7.40 -11.46
CA VAL A 280 3.74 -8.22 -12.46
C VAL A 280 4.00 -7.29 -13.65
N LEU A 281 5.23 -6.77 -13.76
CA LEU A 281 5.63 -5.84 -14.85
C LEU A 281 5.61 -6.60 -16.17
N PRO A 282 5.27 -5.94 -17.30
CA PRO A 282 5.51 -6.54 -18.61
C PRO A 282 7.02 -6.53 -18.94
N ASP A 283 7.45 -7.40 -19.85
CA ASP A 283 8.85 -7.46 -20.33
C ASP A 283 9.24 -6.09 -20.91
N ARG A 284 8.32 -5.45 -21.64
CA ARG A 284 8.51 -4.10 -22.24
C ARG A 284 7.62 -3.08 -21.53
N ALA A 285 8.22 -2.05 -20.93
CA ALA A 285 7.52 -0.98 -20.19
C ALA A 285 6.61 -0.22 -21.15
N GLU A 286 5.43 0.17 -20.68
CA GLU A 286 4.47 1.04 -21.41
C GLU A 286 3.50 1.67 -20.42
N PRO A 287 2.76 2.73 -20.80
CA PRO A 287 1.75 3.33 -19.93
C PRO A 287 0.74 2.31 -19.41
N ASP A 288 0.25 2.51 -18.18
CA ASP A 288 -0.50 1.51 -17.38
C ASP A 288 -1.72 2.20 -16.79
N PRO A 289 -2.93 1.59 -16.83
CA PRO A 289 -4.12 2.21 -16.27
C PRO A 289 -4.27 2.04 -14.75
N ALA A 290 -3.31 1.37 -14.09
CA ALA A 290 -3.30 1.20 -12.61
C ALA A 290 -3.42 2.57 -11.93
N GLU A 291 -4.15 2.63 -10.81
CA GLU A 291 -4.34 3.86 -10.01
C GLU A 291 -2.97 4.36 -9.53
N LEU A 292 -2.01 3.44 -9.30
CA LEU A 292 -0.64 3.79 -8.86
C LEU A 292 0.36 3.22 -9.88
N ASN A 293 1.12 4.11 -10.51
CA ASN A 293 2.06 3.78 -11.62
C ASN A 293 3.07 2.75 -11.12
N PRO A 294 3.16 1.57 -11.75
CA PRO A 294 4.00 0.49 -11.23
C PRO A 294 5.52 0.76 -11.34
N TYR A 295 5.94 1.64 -12.26
CA TYR A 295 7.37 1.99 -12.47
C TYR A 295 7.77 3.05 -11.45
N VAL A 296 6.86 3.95 -11.09
CA VAL A 296 7.06 4.88 -9.95
C VAL A 296 7.14 4.05 -8.66
N LYS A 297 6.32 2.99 -8.53
CA LYS A 297 6.37 2.03 -7.40
C LYS A 297 7.76 1.37 -7.35
N ASP A 298 8.24 0.91 -8.50
CA ASP A 298 9.59 0.29 -8.66
C ASP A 298 10.65 1.23 -8.07
N LEU A 299 10.64 2.50 -8.46
CA LEU A 299 11.67 3.47 -8.03
C LEU A 299 11.45 3.86 -6.55
N GLN A 300 10.20 3.87 -6.07
CA GLN A 300 9.88 4.07 -4.64
C GLN A 300 10.53 2.95 -3.83
N MET A 301 10.36 1.70 -4.27
CA MET A 301 10.94 0.51 -3.60
C MET A 301 12.48 0.63 -3.61
N LEU A 302 13.08 1.14 -4.69
CA LEU A 302 14.55 1.34 -4.77
C LEU A 302 14.99 2.34 -3.70
N VAL A 303 14.45 3.56 -3.70
CA VAL A 303 14.97 4.69 -2.87
C VAL A 303 14.68 4.42 -1.38
N LEU A 304 13.56 3.78 -1.05
CA LEU A 304 13.13 3.59 0.36
C LEU A 304 13.74 2.30 0.96
N LEU A 305 13.85 1.22 0.18
CA LEU A 305 14.10 -0.14 0.73
C LEU A 305 15.17 -0.90 -0.06
N GLY A 306 15.56 -0.46 -1.25
CA GLY A 306 16.41 -1.24 -2.17
C GLY A 306 15.66 -2.41 -2.77
N GLY A 307 14.33 -2.34 -2.80
CA GLY A 307 13.47 -3.33 -3.44
C GLY A 307 13.28 -3.04 -4.91
N ARG A 308 12.29 -3.67 -5.54
CA ARG A 308 11.93 -3.43 -6.96
C ARG A 308 10.63 -4.17 -7.31
N GLU A 309 9.98 -3.74 -8.39
CA GLU A 309 8.90 -4.51 -9.06
C GLU A 309 9.55 -5.43 -10.08
N ARG A 310 8.87 -6.53 -10.42
CA ARG A 310 9.44 -7.64 -11.22
C ARG A 310 8.45 -8.11 -12.28
N THR A 311 9.00 -8.56 -13.41
CA THR A 311 8.26 -9.27 -14.49
C THR A 311 7.94 -10.69 -14.02
N ARG A 312 7.02 -11.37 -14.69
CA ARG A 312 6.67 -12.79 -14.44
C ARG A 312 7.92 -13.66 -14.56
N ALA A 313 8.80 -13.36 -15.53
CA ALA A 313 10.05 -14.11 -15.80
C ALA A 313 11.03 -13.94 -14.64
N HIS A 314 11.18 -12.71 -14.12
CA HIS A 314 12.10 -12.36 -13.00
C HIS A 314 11.61 -13.08 -11.73
N LEU A 315 10.30 -13.11 -11.48
CA LEU A 315 9.71 -13.78 -10.30
C LEU A 315 9.75 -15.31 -10.49
N ASP A 316 9.39 -15.82 -11.67
CA ASP A 316 9.40 -17.27 -12.02
C ASP A 316 10.77 -17.85 -11.69
N ARG A 317 11.85 -17.11 -11.94
CA ARG A 317 13.24 -17.52 -11.65
C ARG A 317 13.45 -17.54 -10.13
N LEU A 318 12.99 -16.51 -9.42
CA LEU A 318 13.20 -16.38 -7.95
C LEU A 318 12.43 -17.49 -7.23
N CYS A 319 11.28 -17.91 -7.78
CA CYS A 319 10.48 -19.08 -7.32
C CYS A 319 11.26 -20.37 -7.56
N ALA A 320 11.55 -20.67 -8.82
CA ALA A 320 12.42 -21.81 -9.23
C ALA A 320 13.51 -21.98 -8.16
N ARG A 321 14.21 -20.90 -7.81
CA ARG A 321 15.35 -20.89 -6.85
C ARG A 321 14.90 -21.26 -5.43
N ALA A 322 13.74 -20.78 -4.99
CA ALA A 322 13.20 -21.05 -3.63
C ALA A 322 12.67 -22.48 -3.54
N GLY A 323 12.76 -23.26 -4.63
CA GLY A 323 12.18 -24.61 -4.75
C GLY A 323 10.70 -24.55 -5.11
N LEU A 324 10.27 -23.44 -5.72
CA LEU A 324 8.85 -23.16 -6.07
C LEU A 324 8.74 -22.94 -7.58
N VAL A 325 7.57 -23.24 -8.17
CA VAL A 325 7.24 -22.92 -9.59
C VAL A 325 6.09 -21.91 -9.57
N ILE A 326 6.19 -20.83 -10.35
CA ILE A 326 4.99 -20.00 -10.69
C ILE A 326 4.07 -20.91 -11.50
N ASP A 327 2.90 -21.23 -10.93
CA ASP A 327 1.86 -22.09 -11.57
C ASP A 327 1.12 -21.26 -12.63
N ARG A 328 0.74 -20.03 -12.29
CA ARG A 328 -0.37 -19.31 -12.96
C ARG A 328 -0.46 -17.89 -12.40
N VAL A 329 -0.56 -16.89 -13.28
CA VAL A 329 -0.77 -15.45 -12.91
C VAL A 329 -2.19 -15.06 -13.31
N LEU A 330 -3.01 -14.62 -12.35
CA LEU A 330 -4.41 -14.20 -12.56
C LEU A 330 -4.50 -12.68 -12.46
N PRO A 331 -5.28 -12.01 -13.35
CA PRO A 331 -5.43 -10.56 -13.31
C PRO A 331 -6.46 -10.07 -12.29
N LEU A 332 -6.28 -8.85 -11.79
CA LEU A 332 -7.32 -8.06 -11.10
C LEU A 332 -7.79 -6.97 -12.05
N PRO A 333 -8.92 -6.28 -11.78
CA PRO A 333 -9.35 -5.15 -12.60
C PRO A 333 -8.18 -4.19 -12.86
N PRO A 334 -8.05 -3.67 -14.09
CA PRO A 334 -6.90 -2.84 -14.48
C PRO A 334 -6.52 -1.68 -13.55
N HIS A 335 -7.49 -1.06 -12.87
CA HIS A 335 -7.25 0.10 -11.97
C HIS A 335 -6.46 -0.34 -10.72
N VAL A 336 -6.51 -1.62 -10.34
CA VAL A 336 -5.87 -2.12 -9.08
C VAL A 336 -4.34 -2.11 -9.27
N GLY A 337 -3.85 -2.69 -10.37
CA GLY A 337 -2.43 -2.66 -10.74
C GLY A 337 -1.62 -3.73 -10.02
N LEU A 338 -2.28 -4.71 -9.41
CA LEU A 338 -1.63 -5.91 -8.82
C LEU A 338 -2.21 -7.13 -9.53
N SER A 339 -1.44 -8.21 -9.59
CA SER A 339 -1.86 -9.54 -10.13
C SER A 339 -1.72 -10.58 -9.03
N LEU A 340 -2.43 -11.70 -9.18
CA LEU A 340 -2.39 -12.86 -8.25
C LEU A 340 -1.53 -13.95 -8.89
N THR A 341 -0.30 -14.13 -8.43
CA THR A 341 0.64 -15.17 -8.91
C THR A 341 0.52 -16.39 -7.99
N GLU A 342 -0.11 -17.46 -8.48
CA GLU A 342 -0.20 -18.77 -7.78
C GLU A 342 1.17 -19.46 -7.86
N VAL A 343 1.72 -19.84 -6.70
CA VAL A 343 3.02 -20.53 -6.57
C VAL A 343 2.80 -21.83 -5.80
N VAL A 344 3.32 -22.95 -6.34
CA VAL A 344 3.27 -24.29 -5.70
C VAL A 344 4.70 -24.83 -5.61
N PRO A 345 4.98 -25.84 -4.75
CA PRO A 345 6.34 -26.39 -4.64
C PRO A 345 6.81 -26.96 -5.98
N ALA A 346 8.08 -26.72 -6.33
CA ALA A 346 8.72 -27.18 -7.59
C ALA A 346 8.82 -28.71 -7.57
N PRO A 347 8.50 -29.39 -8.70
CA PRO A 347 8.55 -30.86 -8.74
C PRO A 347 9.95 -31.40 -8.44
N ALA A 348 11.00 -30.72 -8.91
CA ALA A 348 12.43 -31.00 -8.61
C ALA A 348 12.77 -32.45 -9.01
#